data_6WYI
#
_entry.id   6WYI
#
_cell.length_a   75.413
_cell.length_b   75.413
_cell.length_c   68.890
_cell.angle_alpha   90.000
_cell.angle_beta   90.000
_cell.angle_gamma   120.000
#
_symmetry.space_group_name_H-M   'P 3 2 1'
#
loop_
_entity.id
_entity.type
_entity.pdbx_description
1 polymer 'EchA19, enoyl-CoA hydratase'
2 non-polymer 'MAGNESIUM ION'
3 water water
#
_entity_poly.entity_id   1
_entity_poly.type   'polypeptide(L)'
_entity_poly.pdbx_seq_one_letter_code
;MGSSHHHHHHSSGLVPRGSHMVESGPDALVERRGHTLIVTMNRPAARNALSTEMMRIMVQAWDRVDNDPDIRCCILTGAG
GYFCAGMDLKAATQKPPGDSFKDGSYGPSRIDALLKGRRLTKPLIAAVEGPAIAGGTEILQGTDIRVAGESAKFGISEAK
WSLYPMGGSAVRLVRQIPYTLACDLLLTGRHITAAEAKEMGLIGHVVPDGQALTKALELADAISANGPLAVQAILRSIRE
TECMPENEAFKIDTQIGIKVFLSDDAKEGPRAFAEKRAPNFQNR
;
_entity_poly.pdbx_strand_id   A
#
# COMPACT_ATOMS: atom_id res chain seq x y z
N GLU A 23 -18.58 7.25 14.93
CA GLU A 23 -19.10 7.69 16.22
C GLU A 23 -18.45 9.01 16.65
N SER A 24 -17.19 9.00 17.09
CA SER A 24 -16.55 10.21 17.57
C SER A 24 -15.30 10.51 16.76
N GLY A 25 -14.90 11.78 16.74
CA GLY A 25 -13.67 12.18 16.09
C GLY A 25 -13.74 12.12 14.57
N PRO A 26 -12.68 12.58 13.89
CA PRO A 26 -12.66 12.51 12.42
C PRO A 26 -12.63 11.08 11.94
N ASP A 27 -13.24 10.87 10.76
CA ASP A 27 -13.42 9.54 10.20
C ASP A 27 -12.10 8.92 9.73
N ALA A 28 -11.01 9.70 9.71
CA ALA A 28 -9.67 9.18 9.40
C ALA A 28 -8.67 10.04 10.16
N LEU A 29 -7.67 9.39 10.75
CA LEU A 29 -6.60 10.10 11.44
C LEU A 29 -5.34 10.06 10.59
N VAL A 30 -4.54 11.10 10.69
CA VAL A 30 -3.30 11.23 9.95
C VAL A 30 -2.22 11.57 10.97
N GLU A 31 -1.10 10.84 10.92
CA GLU A 31 -0.04 10.98 11.91
C GLU A 31 1.27 10.82 11.17
N ARG A 32 2.34 11.33 11.79
CA ARG A 32 3.66 11.32 11.18
C ARG A 32 4.62 10.61 12.13
N ARG A 33 5.50 9.82 11.56
CA ARG A 33 6.52 9.11 12.34
C ARG A 33 7.79 9.13 11.48
N GLY A 34 8.66 10.09 11.74
CA GLY A 34 9.82 10.24 10.86
C GLY A 34 9.35 10.64 9.48
N HIS A 35 9.89 9.95 8.47
CA HIS A 35 9.54 10.10 7.07
C HIS A 35 8.27 9.38 6.67
N THR A 36 7.58 8.73 7.61
CA THR A 36 6.39 7.94 7.28
C THR A 36 5.14 8.68 7.73
N LEU A 37 4.15 8.72 6.84
CA LEU A 37 2.83 9.25 7.14
C LEU A 37 1.90 8.08 7.38
N ILE A 38 1.18 8.09 8.51
CA ILE A 38 0.29 6.99 8.88
C ILE A 38 -1.16 7.45 8.81
N VAL A 39 -1.96 6.75 7.99
CA VAL A 39 -3.37 7.04 7.76
C VAL A 39 -4.18 5.91 8.39
N THR A 40 -5.08 6.27 9.33
CA THR A 40 -5.85 5.32 10.12
C THR A 40 -7.33 5.54 9.82
N MET A 41 -7.95 4.60 9.11
CA MET A 41 -9.40 4.63 8.95
C MET A 41 -10.05 4.46 10.32
N ASN A 42 -10.90 5.43 10.70
CA ASN A 42 -11.31 5.61 12.09
C ASN A 42 -12.84 5.74 12.20
N ARG A 43 -13.54 4.64 11.96
CA ARG A 43 -14.96 4.50 12.34
C ARG A 43 -15.18 3.14 12.98
N PRO A 44 -14.48 2.85 14.08
CA PRO A 44 -14.47 1.47 14.60
C PRO A 44 -15.84 0.94 14.99
N ALA A 45 -16.76 1.81 15.41
CA ALA A 45 -18.13 1.38 15.68
C ALA A 45 -18.82 0.81 14.44
N ALA A 46 -18.40 1.23 13.25
CA ALA A 46 -18.98 0.76 11.99
C ALA A 46 -17.99 -0.11 11.21
N ARG A 47 -17.08 -0.79 11.91
CA ARG A 47 -16.06 -1.62 11.29
C ARG A 47 -15.29 -0.84 10.22
N ASN A 48 -15.09 0.44 10.48
CA ASN A 48 -14.32 1.31 9.59
C ASN A 48 -14.85 1.29 8.16
N ALA A 49 -16.16 1.01 8.01
CA ALA A 49 -16.85 1.21 6.74
C ALA A 49 -16.56 2.58 6.16
N LEU A 50 -16.27 2.64 4.86
CA LEU A 50 -15.96 3.93 4.23
C LEU A 50 -17.10 4.94 4.37
N SER A 51 -16.75 6.18 4.67
CA SER A 51 -17.64 7.33 4.63
C SER A 51 -17.04 8.40 3.72
N THR A 52 -17.88 9.33 3.29
CA THR A 52 -17.37 10.41 2.44
C THR A 52 -16.38 11.28 3.18
N GLU A 53 -16.58 11.50 4.49
CA GLU A 53 -15.57 12.23 5.26
C GLU A 53 -14.29 11.42 5.41
N MET A 54 -14.40 10.11 5.63
CA MET A 54 -13.21 9.27 5.64
C MET A 54 -12.46 9.39 4.31
N MET A 55 -13.20 9.40 3.20
CA MET A 55 -12.53 9.44 1.90
C MET A 55 -11.91 10.80 1.63
N ARG A 56 -12.55 11.88 2.05
CA ARG A 56 -11.93 13.19 1.84
C ARG A 56 -10.65 13.29 2.64
N ILE A 57 -10.64 12.78 3.87
CA ILE A 57 -9.43 12.85 4.68
C ILE A 57 -8.33 12.00 4.05
N MET A 58 -8.73 10.87 3.45
CA MET A 58 -7.75 9.99 2.81
C MET A 58 -7.13 10.67 1.60
N VAL A 59 -7.95 11.30 0.75
CA VAL A 59 -7.41 11.91 -0.46
C VAL A 59 -6.46 13.06 -0.14
N GLN A 60 -6.76 13.85 0.89
CA GLN A 60 -5.84 14.95 1.19
C GLN A 60 -4.56 14.44 1.82
N ALA A 61 -4.64 13.38 2.64
CA ALA A 61 -3.43 12.71 3.10
C ALA A 61 -2.61 12.19 1.91
N TRP A 62 -3.30 11.64 0.90
CA TRP A 62 -2.60 11.17 -0.30
C TRP A 62 -1.85 12.31 -0.98
N ASP A 63 -2.49 13.49 -1.08
CA ASP A 63 -1.84 14.63 -1.69
C ASP A 63 -0.67 15.09 -0.85
N ARG A 64 -0.82 15.04 0.49
CA ARG A 64 0.30 15.31 1.37
C ARG A 64 1.46 14.34 1.08
N VAL A 65 1.17 13.05 0.96
CA VAL A 65 2.27 12.10 0.68
C VAL A 65 3.00 12.50 -0.59
N ASP A 66 2.24 12.78 -1.65
CA ASP A 66 2.84 13.11 -2.94
C ASP A 66 3.62 14.42 -2.88
N ASN A 67 3.11 15.42 -2.17
CA ASN A 67 3.68 16.76 -2.28
C ASN A 67 4.78 17.05 -1.26
N ASP A 68 4.88 16.29 -0.18
CA ASP A 68 5.85 16.59 0.86
C ASP A 68 7.11 15.78 0.63
N PRO A 69 8.22 16.40 0.23
CA PRO A 69 9.46 15.63 0.00
C PRO A 69 9.97 14.93 1.25
N ASP A 70 9.63 15.43 2.45
CA ASP A 70 9.98 14.79 3.72
C ASP A 70 9.28 13.44 3.94
N ILE A 71 8.18 13.16 3.27
CA ILE A 71 7.49 11.88 3.43
C ILE A 71 8.07 10.91 2.42
N ARG A 72 8.54 9.76 2.90
CA ARG A 72 9.11 8.75 2.01
C ARG A 72 8.30 7.47 1.95
N CYS A 73 7.33 7.30 2.85
CA CYS A 73 6.57 6.06 2.97
C CYS A 73 5.22 6.39 3.61
N CYS A 74 4.20 5.63 3.23
CA CYS A 74 2.88 5.80 3.85
C CYS A 74 2.41 4.43 4.35
N ILE A 75 1.70 4.45 5.48
CA ILE A 75 1.06 3.27 6.03
C ILE A 75 -0.44 3.52 6.16
N LEU A 76 -1.23 2.56 5.69
CA LEU A 76 -2.69 2.58 5.81
C LEU A 76 -3.14 1.50 6.77
N THR A 77 -3.89 1.89 7.79
CA THR A 77 -4.35 0.92 8.77
C THR A 77 -5.75 1.34 9.21
N GLY A 78 -6.34 0.53 10.09
CA GLY A 78 -7.63 0.87 10.66
C GLY A 78 -7.60 0.83 12.18
N ALA A 79 -8.57 1.52 12.79
CA ALA A 79 -8.60 1.56 14.23
C ALA A 79 -9.51 0.45 14.76
N GLY A 80 -9.34 0.15 16.04
CA GLY A 80 -10.31 -0.66 16.76
C GLY A 80 -10.34 -2.13 16.44
N GLY A 81 -9.26 -2.68 15.89
CA GLY A 81 -9.22 -4.10 15.57
C GLY A 81 -9.95 -4.47 14.29
N TYR A 82 -10.29 -3.50 13.46
CA TYR A 82 -10.82 -3.71 12.13
C TYR A 82 -9.92 -2.97 11.16
N PHE A 83 -9.92 -3.40 9.90
CA PHE A 83 -9.20 -2.66 8.86
C PHE A 83 -10.19 -1.78 8.14
N CYS A 84 -10.98 -2.38 7.27
CA CYS A 84 -12.14 -1.74 6.67
C CYS A 84 -13.09 -2.85 6.25
N ALA A 85 -14.34 -2.79 6.69
CA ALA A 85 -15.29 -3.83 6.29
C ALA A 85 -16.56 -3.20 5.73
N ILE A 111 -7.61 10.58 -8.43
CA ILE A 111 -7.74 10.51 -6.99
C ILE A 111 -9.01 9.79 -6.60
N ASP A 112 -8.91 8.73 -5.79
CA ASP A 112 -10.12 8.00 -5.41
C ASP A 112 -9.90 7.25 -4.11
N ALA A 113 -10.90 6.46 -3.74
CA ALA A 113 -11.01 5.76 -2.47
C ALA A 113 -9.97 4.66 -2.34
N LEU A 114 -10.21 3.53 -3.03
CA LEU A 114 -9.32 2.37 -3.03
C LEU A 114 -8.16 2.62 -3.97
N LEU A 115 -7.88 3.89 -4.22
CA LEU A 115 -6.84 4.28 -5.18
C LEU A 115 -7.10 3.61 -6.51
N LYS A 116 -8.26 3.93 -7.08
CA LYS A 116 -8.65 3.50 -8.41
C LYS A 116 -8.61 4.70 -9.33
N GLY A 117 -7.76 4.64 -10.34
CA GLY A 117 -7.45 5.79 -11.17
C GLY A 117 -6.30 6.63 -10.66
N ARG A 118 -5.89 6.43 -9.42
CA ARG A 118 -4.78 7.14 -8.81
C ARG A 118 -4.00 6.19 -7.91
N ARG A 119 -2.68 6.31 -7.92
CA ARG A 119 -1.83 5.57 -7.01
C ARG A 119 -0.83 6.54 -6.39
N LEU A 120 -0.54 6.36 -5.10
CA LEU A 120 0.43 7.25 -4.46
C LEU A 120 1.78 7.10 -5.15
N THR A 121 2.50 8.21 -5.23
CA THR A 121 3.81 8.15 -5.85
C THR A 121 4.89 7.63 -4.90
N LYS A 122 4.54 7.35 -3.65
CA LYS A 122 5.47 6.79 -2.69
C LYS A 122 4.90 5.48 -2.15
N PRO A 123 5.75 4.61 -1.60
CA PRO A 123 5.25 3.28 -1.22
C PRO A 123 4.17 3.35 -0.16
N LEU A 124 3.22 2.42 -0.26
CA LEU A 124 2.09 2.36 0.66
C LEU A 124 2.05 0.96 1.26
N ILE A 125 2.13 0.90 2.59
CA ILE A 125 2.12 -0.36 3.33
C ILE A 125 0.76 -0.51 4.02
N ALA A 126 0.08 -1.64 3.80
CA ALA A 126 -1.14 -1.92 4.54
C ALA A 126 -0.76 -2.64 5.82
N ALA A 127 -1.32 -2.19 6.95
CA ALA A 127 -1.27 -2.92 8.23
C ALA A 127 -2.71 -3.32 8.58
N VAL A 128 -3.04 -4.60 8.37
CA VAL A 128 -4.42 -5.08 8.48
C VAL A 128 -4.60 -5.81 9.79
N GLU A 129 -5.50 -5.32 10.64
CA GLU A 129 -5.96 -6.07 11.80
C GLU A 129 -7.46 -6.36 11.61
N GLY A 130 -7.87 -7.59 11.88
CA GLY A 130 -9.28 -7.90 11.87
C GLY A 130 -9.87 -7.86 10.45
N PRO A 131 -11.17 -7.59 10.35
CA PRO A 131 -11.85 -7.72 9.04
C PRO A 131 -11.35 -6.72 8.01
N ALA A 132 -11.01 -7.25 6.84
CA ALA A 132 -10.71 -6.49 5.63
C ALA A 132 -11.57 -7.05 4.50
N ILE A 133 -12.87 -6.91 4.65
CA ILE A 133 -13.85 -7.54 3.76
C ILE A 133 -14.43 -6.47 2.84
N ALA A 134 -14.60 -6.84 1.57
CA ALA A 134 -15.26 -6.01 0.57
C ALA A 134 -14.38 -4.80 0.32
N GLY A 135 -14.80 -3.63 0.81
CA GLY A 135 -13.99 -2.45 0.62
C GLY A 135 -12.55 -2.64 1.10
N GLY A 136 -12.39 -3.37 2.21
CA GLY A 136 -11.06 -3.52 2.79
C GLY A 136 -10.11 -4.31 1.92
N THR A 137 -10.62 -5.32 1.22
CA THR A 137 -9.75 -6.09 0.34
C THR A 137 -9.51 -5.37 -0.98
N GLU A 138 -10.45 -4.54 -1.45
CA GLU A 138 -10.20 -3.73 -2.64
C GLU A 138 -9.11 -2.70 -2.38
N ILE A 139 -9.21 -1.99 -1.26
CA ILE A 139 -8.18 -1.01 -0.86
C ILE A 139 -6.83 -1.70 -0.77
N LEU A 140 -6.82 -2.92 -0.20
CA LEU A 140 -5.58 -3.64 -0.01
C LEU A 140 -4.80 -3.76 -1.32
N GLN A 141 -5.50 -3.94 -2.43
CA GLN A 141 -4.84 -4.13 -3.73
C GLN A 141 -4.24 -2.85 -4.27
N GLY A 142 -4.59 -1.70 -3.71
CA GLY A 142 -3.89 -0.47 -4.05
C GLY A 142 -2.67 -0.19 -3.22
N THR A 143 -2.31 -1.07 -2.29
CA THR A 143 -1.11 -0.95 -1.48
C THR A 143 -0.01 -1.86 -2.03
N ASP A 144 1.23 -1.55 -1.68
CA ASP A 144 2.35 -2.29 -2.24
C ASP A 144 2.84 -3.43 -1.35
N ILE A 145 3.02 -3.16 -0.06
CA ILE A 145 3.55 -4.13 0.90
C ILE A 145 2.47 -4.34 1.93
N ARG A 146 2.29 -5.57 2.40
CA ARG A 146 1.03 -5.92 3.07
C ARG A 146 1.30 -6.81 4.28
N VAL A 147 0.93 -6.32 5.47
CA VAL A 147 1.10 -6.99 6.74
C VAL A 147 -0.27 -7.23 7.35
N ALA A 148 -0.50 -8.43 7.89
CA ALA A 148 -1.77 -8.69 8.53
C ALA A 148 -1.55 -9.36 9.87
N GLY A 149 -2.38 -9.00 10.85
CA GLY A 149 -2.52 -9.82 12.04
C GLY A 149 -3.09 -11.19 11.73
N GLU A 150 -2.74 -12.14 12.59
CA GLU A 150 -3.11 -13.54 12.41
C GLU A 150 -4.62 -13.73 12.24
N SER A 151 -5.42 -12.94 12.94
CA SER A 151 -6.88 -13.10 12.95
C SER A 151 -7.57 -12.28 11.86
N ALA A 152 -6.81 -11.57 11.02
CA ALA A 152 -7.41 -10.78 9.94
C ALA A 152 -8.15 -11.71 8.97
N LYS A 153 -9.17 -11.16 8.31
CA LYS A 153 -9.92 -11.89 7.30
C LYS A 153 -9.98 -11.04 6.04
N PHE A 154 -9.97 -11.71 4.88
CA PHE A 154 -10.02 -11.04 3.60
C PHE A 154 -11.15 -11.65 2.79
N GLY A 155 -11.65 -10.86 1.84
CA GLY A 155 -12.73 -11.35 0.99
C GLY A 155 -13.38 -10.23 0.22
N ILE A 156 -13.99 -10.56 -0.93
CA ILE A 156 -14.65 -9.61 -1.78
C ILE A 156 -16.08 -10.12 -1.91
N SER A 157 -16.97 -9.67 -1.03
CA SER A 157 -18.27 -10.35 -0.91
C SER A 157 -19.35 -9.73 -1.78
N GLU A 158 -19.02 -8.73 -2.59
CA GLU A 158 -20.03 -7.95 -3.33
C GLU A 158 -21.01 -8.85 -4.10
N ALA A 159 -20.50 -9.89 -4.75
CA ALA A 159 -21.39 -10.65 -5.63
C ALA A 159 -22.46 -11.42 -4.86
N LYS A 160 -22.24 -11.68 -3.56
CA LYS A 160 -23.24 -12.39 -2.76
C LYS A 160 -24.56 -11.64 -2.74
N TRP A 161 -24.50 -10.32 -2.90
CA TRP A 161 -25.67 -9.47 -2.85
C TRP A 161 -25.98 -8.86 -4.21
N SER A 162 -25.45 -9.48 -5.27
CA SER A 162 -25.56 -9.02 -6.65
C SER A 162 -25.08 -7.58 -6.79
N LEU A 163 -24.12 -7.18 -5.96
CA LEU A 163 -23.36 -5.94 -6.14
C LEU A 163 -22.06 -6.25 -6.86
N TYR A 164 -21.37 -5.19 -7.25
CA TYR A 164 -20.12 -5.30 -8.01
C TYR A 164 -18.97 -4.61 -7.26
N PRO A 165 -17.77 -5.21 -7.26
CA PRO A 165 -16.62 -4.55 -6.61
C PRO A 165 -16.14 -3.33 -7.37
N MET A 166 -16.60 -2.15 -6.96
CA MET A 166 -16.30 -0.93 -7.70
C MET A 166 -14.89 -0.41 -7.46
N GLY A 167 -14.14 -1.02 -6.54
CA GLY A 167 -12.79 -0.54 -6.22
C GLY A 167 -11.71 -1.05 -7.14
N GLY A 168 -12.06 -1.86 -8.14
CA GLY A 168 -11.15 -2.31 -9.17
C GLY A 168 -10.62 -3.72 -9.01
N SER A 169 -11.18 -4.51 -8.09
CA SER A 169 -10.68 -5.87 -7.85
C SER A 169 -10.76 -6.74 -9.10
N ALA A 170 -11.80 -6.53 -9.92
CA ALA A 170 -11.94 -7.39 -11.11
C ALA A 170 -10.86 -7.12 -12.12
N VAL A 171 -10.22 -5.95 -12.08
CA VAL A 171 -9.02 -5.70 -12.91
C VAL A 171 -7.77 -6.22 -12.23
N ARG A 172 -7.56 -5.84 -10.95
CA ARG A 172 -6.26 -6.02 -10.30
C ARG A 172 -6.01 -7.43 -9.80
N LEU A 173 -7.04 -8.11 -9.29
CA LEU A 173 -6.75 -9.27 -8.44
C LEU A 173 -6.07 -10.37 -9.23
N VAL A 174 -6.55 -10.65 -10.45
CA VAL A 174 -5.94 -11.70 -11.28
C VAL A 174 -4.53 -11.34 -11.71
N ARG A 175 -4.18 -10.05 -11.66
CA ARG A 175 -2.82 -9.60 -11.99
C ARG A 175 -1.89 -9.69 -10.80
N GLN A 176 -2.41 -9.80 -9.60
CA GLN A 176 -1.57 -9.73 -8.41
C GLN A 176 -1.35 -11.07 -7.75
N ILE A 177 -2.25 -12.04 -7.97
CA ILE A 177 -2.09 -13.38 -7.41
C ILE A 177 -2.48 -14.37 -8.50
N PRO A 178 -2.21 -15.67 -8.33
CA PRO A 178 -2.55 -16.64 -9.41
C PRO A 178 -4.02 -16.55 -9.82
N TYR A 179 -4.24 -16.67 -11.13
CA TYR A 179 -5.55 -16.51 -11.73
C TYR A 179 -6.62 -17.29 -10.98
N THR A 180 -6.40 -18.60 -10.76
CA THR A 180 -7.52 -19.41 -10.25
C THR A 180 -7.86 -19.05 -8.80
N LEU A 181 -6.85 -18.58 -8.03
CA LEU A 181 -7.08 -18.14 -6.66
C LEU A 181 -7.86 -16.83 -6.64
N ALA A 182 -7.52 -15.91 -7.53
CA ALA A 182 -8.29 -14.68 -7.69
C ALA A 182 -9.73 -15.00 -8.07
N CYS A 183 -9.95 -15.87 -9.07
CA CYS A 183 -11.31 -16.21 -9.47
C CYS A 183 -12.13 -16.79 -8.31
N ASP A 184 -11.52 -17.70 -7.55
CA ASP A 184 -12.17 -18.26 -6.37
C ASP A 184 -12.71 -17.15 -5.45
N LEU A 185 -11.86 -16.17 -5.12
CA LEU A 185 -12.27 -15.08 -4.24
C LEU A 185 -13.38 -14.25 -4.85
N LEU A 186 -13.20 -13.82 -6.09
CA LEU A 186 -14.14 -12.88 -6.71
C LEU A 186 -15.50 -13.52 -6.97
N LEU A 187 -15.54 -14.80 -7.38
CA LEU A 187 -16.76 -15.44 -7.82
C LEU A 187 -17.50 -16.15 -6.69
N THR A 188 -16.80 -16.74 -5.71
CA THR A 188 -17.56 -17.29 -4.58
C THR A 188 -17.87 -16.25 -3.52
N GLY A 189 -17.00 -15.23 -3.38
CA GLY A 189 -17.15 -14.24 -2.33
C GLY A 189 -16.78 -14.74 -0.95
N ARG A 190 -16.16 -15.91 -0.85
CA ARG A 190 -15.86 -16.47 0.46
C ARG A 190 -14.71 -15.71 1.13
N HIS A 191 -14.72 -15.74 2.46
CA HIS A 191 -13.70 -15.08 3.28
C HIS A 191 -12.57 -16.02 3.58
N ILE A 192 -11.37 -15.47 3.69
CA ILE A 192 -10.19 -16.28 3.98
C ILE A 192 -9.43 -15.66 5.15
N THR A 193 -8.59 -16.49 5.76
CA THR A 193 -7.72 -16.09 6.87
C THR A 193 -6.47 -15.38 6.34
N ALA A 194 -5.75 -14.74 7.26
CA ALA A 194 -4.49 -14.11 6.86
C ALA A 194 -3.49 -15.16 6.37
N ALA A 195 -3.46 -16.32 7.02
CA ALA A 195 -2.58 -17.40 6.55
C ALA A 195 -2.92 -17.79 5.11
N GLU A 196 -4.20 -17.96 4.82
CA GLU A 196 -4.58 -18.31 3.44
C GLU A 196 -4.19 -17.19 2.48
N ALA A 197 -4.41 -15.94 2.89
CA ALA A 197 -4.05 -14.81 2.03
C ALA A 197 -2.56 -14.80 1.73
N LYS A 198 -1.72 -15.12 2.72
CA LYS A 198 -0.29 -15.14 2.46
C LYS A 198 0.06 -16.29 1.52
N GLU A 199 -0.56 -17.45 1.76
CA GLU A 199 -0.42 -18.59 0.85
C GLU A 199 -0.78 -18.22 -0.58
N MET A 200 -1.84 -17.42 -0.76
CA MET A 200 -2.22 -17.01 -2.11
C MET A 200 -1.28 -15.98 -2.71
N GLY A 201 -0.40 -15.36 -1.91
CA GLY A 201 0.38 -14.23 -2.40
C GLY A 201 -0.33 -12.89 -2.34
N LEU A 202 -1.48 -12.82 -1.67
CA LEU A 202 -2.25 -11.59 -1.59
C LEU A 202 -1.64 -10.61 -0.59
N ILE A 203 -1.00 -11.15 0.44
CA ILE A 203 -0.24 -10.35 1.42
C ILE A 203 1.10 -11.04 1.61
N GLY A 204 2.05 -10.30 2.20
CA GLY A 204 3.42 -10.79 2.35
C GLY A 204 3.83 -11.16 3.75
N HIS A 205 3.15 -10.64 4.77
CA HIS A 205 3.57 -10.86 6.14
C HIS A 205 2.34 -11.10 7.01
N VAL A 206 2.43 -12.10 7.88
CA VAL A 206 1.42 -12.38 8.90
C VAL A 206 2.12 -12.26 10.25
N VAL A 207 1.57 -11.42 11.13
CA VAL A 207 2.19 -11.23 12.45
C VAL A 207 1.12 -11.51 13.50
N PRO A 208 1.50 -11.70 14.75
CA PRO A 208 0.48 -11.91 15.79
C PRO A 208 -0.46 -10.72 15.82
N ASP A 209 -1.69 -10.98 16.29
CA ASP A 209 -2.71 -9.95 16.35
C ASP A 209 -2.20 -8.77 17.17
N GLY A 210 -2.42 -7.57 16.64
CA GLY A 210 -1.99 -6.36 17.29
C GLY A 210 -0.63 -5.85 16.86
N GLN A 211 0.16 -6.67 16.17
CA GLN A 211 1.50 -6.25 15.77
C GLN A 211 1.59 -5.83 14.30
N ALA A 212 0.45 -5.78 13.59
CA ALA A 212 0.50 -5.41 12.18
C ALA A 212 1.12 -4.03 11.98
N LEU A 213 0.71 -3.05 12.79
CA LEU A 213 1.26 -1.72 12.60
C LEU A 213 2.73 -1.70 12.98
N THR A 214 3.10 -2.47 14.01
CA THR A 214 4.50 -2.49 14.43
C THR A 214 5.40 -3.02 13.30
N LYS A 215 5.01 -4.14 12.69
CA LYS A 215 5.79 -4.70 11.59
C LYS A 215 5.80 -3.75 10.39
N ALA A 216 4.66 -3.13 10.10
CA ALA A 216 4.59 -2.17 9.01
C ALA A 216 5.56 -1.02 9.23
N LEU A 217 5.69 -0.56 10.49
CA LEU A 217 6.61 0.53 10.76
C LEU A 217 8.07 0.07 10.60
N GLU A 218 8.37 -1.19 10.91
CA GLU A 218 9.71 -1.71 10.61
C GLU A 218 9.99 -1.64 9.12
N LEU A 219 9.02 -2.04 8.32
CA LEU A 219 9.19 -2.02 6.86
C LEU A 219 9.28 -0.60 6.33
N ALA A 220 8.49 0.32 6.87
CA ALA A 220 8.55 1.71 6.45
C ALA A 220 9.88 2.33 6.81
N ASP A 221 10.42 1.96 7.99
N ASP A 221 10.42 1.94 7.97
CA ASP A 221 11.73 2.43 8.42
CA ASP A 221 11.73 2.47 8.38
C ASP A 221 12.81 2.03 7.40
C ASP A 221 12.83 2.03 7.41
N ALA A 222 12.74 0.79 6.91
CA ALA A 222 13.71 0.33 5.92
C ALA A 222 13.54 1.06 4.60
N ILE A 223 12.30 1.26 4.15
CA ILE A 223 12.05 2.02 2.93
C ILE A 223 12.56 3.45 3.08
N SER A 224 12.21 4.10 4.19
CA SER A 224 12.57 5.51 4.36
C SER A 224 14.08 5.71 4.45
N ALA A 225 14.82 4.68 4.84
CA ALA A 225 16.28 4.77 4.87
C ALA A 225 16.89 4.58 3.48
N ASN A 226 16.14 4.01 2.54
CA ASN A 226 16.58 3.88 1.16
C ASN A 226 16.45 5.22 0.45
N GLY A 227 17.09 5.30 -0.72
CA GLY A 227 17.07 6.51 -1.52
C GLY A 227 15.68 6.80 -2.05
N PRO A 228 15.05 7.90 -1.61
CA PRO A 228 13.68 8.17 -2.07
C PRO A 228 13.57 8.31 -3.57
N LEU A 229 14.59 8.85 -4.25
CA LEU A 229 14.51 8.97 -5.71
C LEU A 229 14.53 7.61 -6.39
N ALA A 230 15.29 6.66 -5.83
CA ALA A 230 15.31 5.31 -6.38
C ALA A 230 14.00 4.59 -6.13
N VAL A 231 13.56 4.62 -4.87
CA VAL A 231 12.33 3.94 -4.46
C VAL A 231 11.15 4.41 -5.31
N GLN A 232 11.03 5.72 -5.49
CA GLN A 232 9.92 6.30 -6.24
C GLN A 232 10.05 6.09 -7.75
N ALA A 233 11.27 6.04 -8.28
CA ALA A 233 11.43 5.71 -9.70
C ALA A 233 11.02 4.27 -9.99
N ILE A 234 11.29 3.35 -9.06
CA ILE A 234 10.90 1.96 -9.26
C ILE A 234 9.38 1.89 -9.36
N LEU A 235 8.68 2.54 -8.42
CA LEU A 235 7.22 2.57 -8.51
C LEU A 235 6.79 3.16 -9.84
N ARG A 236 7.40 4.29 -10.22
CA ARG A 236 6.99 4.93 -11.46
C ARG A 236 7.18 3.99 -12.64
N SER A 237 8.28 3.26 -12.65
CA SER A 237 8.53 2.33 -13.76
C SER A 237 7.47 1.25 -13.78
N ILE A 238 7.19 0.65 -12.61
CA ILE A 238 6.19 -0.41 -12.53
C ILE A 238 4.88 0.09 -13.12
N ARG A 239 4.51 1.34 -12.82
CA ARG A 239 3.23 1.82 -13.27
C ARG A 239 3.25 2.20 -14.73
N GLU A 240 4.33 2.86 -15.17
CA GLU A 240 4.41 3.35 -16.55
C GLU A 240 4.54 2.22 -17.55
N THR A 241 5.15 1.10 -17.14
CA THR A 241 5.44 0.04 -18.09
C THR A 241 4.38 -1.06 -18.06
N GLU A 242 3.30 -0.87 -17.27
CA GLU A 242 2.33 -1.95 -17.14
C GLU A 242 1.77 -2.33 -18.52
N CYS A 243 1.68 -3.65 -18.76
CA CYS A 243 1.12 -4.23 -19.99
C CYS A 243 1.86 -3.80 -21.25
N MET A 244 3.12 -3.38 -21.11
CA MET A 244 3.99 -3.17 -22.27
C MET A 244 4.91 -4.37 -22.42
N PRO A 245 5.01 -4.94 -23.62
CA PRO A 245 5.97 -6.03 -23.84
C PRO A 245 7.36 -5.58 -23.41
N GLU A 246 8.15 -6.51 -22.87
CA GLU A 246 9.30 -6.07 -22.09
C GLU A 246 10.32 -5.34 -22.95
N ASN A 247 10.39 -5.62 -24.25
CA ASN A 247 11.40 -4.91 -25.05
C ASN A 247 11.04 -3.43 -25.22
N GLU A 248 9.75 -3.12 -25.27
CA GLU A 248 9.27 -1.75 -25.25
C GLU A 248 9.36 -1.14 -23.85
N ALA A 249 9.00 -1.91 -22.82
CA ALA A 249 9.06 -1.45 -21.44
C ALA A 249 10.48 -1.10 -21.02
N PHE A 250 11.45 -1.89 -21.47
CA PHE A 250 12.83 -1.68 -21.06
C PHE A 250 13.33 -0.29 -21.46
N LYS A 251 12.81 0.26 -22.56
CA LYS A 251 13.24 1.59 -23.00
C LYS A 251 12.79 2.65 -22.01
N ILE A 252 11.53 2.56 -21.55
CA ILE A 252 11.05 3.44 -20.49
C ILE A 252 11.82 3.21 -19.21
N ASP A 253 11.97 1.94 -18.81
CA ASP A 253 12.62 1.63 -17.54
C ASP A 253 14.08 2.08 -17.52
N THR A 254 14.78 1.95 -18.66
CA THR A 254 16.19 2.39 -18.69
C THR A 254 16.29 3.91 -18.49
N GLN A 255 15.37 4.68 -19.09
CA GLN A 255 15.47 6.14 -18.98
C GLN A 255 15.13 6.60 -17.57
N ILE A 256 14.11 5.99 -16.96
CA ILE A 256 13.80 6.27 -15.57
C ILE A 256 15.03 5.99 -14.69
N GLY A 257 15.67 4.85 -14.90
CA GLY A 257 16.83 4.51 -14.07
C GLY A 257 18.00 5.46 -14.24
N ILE A 258 18.38 5.76 -15.49
CA ILE A 258 19.50 6.66 -15.72
C ILE A 258 19.26 7.99 -15.04
N LYS A 259 18.01 8.45 -15.01
CA LYS A 259 17.73 9.73 -14.34
C LYS A 259 18.08 9.65 -12.86
N VAL A 260 17.80 8.51 -12.22
CA VAL A 260 18.16 8.32 -10.82
C VAL A 260 19.67 8.44 -10.64
N PHE A 261 20.42 7.78 -11.54
CA PHE A 261 21.87 7.76 -11.40
C PHE A 261 22.47 9.17 -11.54
N LEU A 262 21.76 10.07 -12.20
CA LEU A 262 22.26 11.43 -12.33
C LEU A 262 22.01 12.28 -11.09
N SER A 263 21.37 11.73 -10.05
CA SER A 263 21.05 12.55 -8.90
C SER A 263 22.24 12.69 -7.96
N ASP A 264 22.16 13.70 -7.07
CA ASP A 264 23.15 13.84 -6.01
C ASP A 264 23.09 12.65 -5.05
N ASP A 265 21.89 12.16 -4.74
CA ASP A 265 21.73 11.03 -3.83
C ASP A 265 22.42 9.78 -4.36
N ALA A 266 22.49 9.63 -5.68
CA ALA A 266 23.19 8.49 -6.26
C ALA A 266 24.70 8.61 -6.09
N LYS A 267 25.21 9.79 -5.75
CA LYS A 267 26.61 9.87 -5.37
C LYS A 267 26.77 9.62 -3.88
N GLU A 268 25.79 10.06 -3.07
CA GLU A 268 25.88 9.92 -1.62
C GLU A 268 25.85 8.45 -1.20
N GLY A 269 25.04 7.63 -1.87
CA GLY A 269 24.90 6.23 -1.53
C GLY A 269 26.22 5.48 -1.61
N PRO A 270 26.90 5.56 -2.76
CA PRO A 270 28.23 4.94 -2.88
C PRO A 270 29.28 5.54 -1.97
N ARG A 271 29.27 6.86 -1.77
CA ARG A 271 30.22 7.49 -0.86
C ARG A 271 30.05 6.95 0.56
N ALA A 272 28.79 6.80 0.98
CA ALA A 272 28.48 6.28 2.30
C ALA A 272 28.96 4.86 2.45
N PHE A 273 28.75 4.06 1.41
CA PHE A 273 29.20 2.67 1.48
C PHE A 273 30.71 2.60 1.55
N ALA A 274 31.41 3.43 0.77
CA ALA A 274 32.86 3.46 0.84
C ALA A 274 33.32 4.00 2.18
N GLU A 275 32.62 5.00 2.73
CA GLU A 275 32.96 5.46 4.06
C GLU A 275 32.38 4.55 5.15
N LYS A 276 31.88 3.38 4.76
CA LYS A 276 31.30 2.39 5.67
C LYS A 276 30.41 3.08 6.72
N ARG A 277 29.46 3.83 6.22
CA ARG A 277 28.54 4.58 7.09
C ARG A 277 27.19 4.61 6.40
N ALA A 278 26.16 4.94 7.19
CA ALA A 278 24.81 5.04 6.66
C ALA A 278 24.66 6.29 5.79
N PRO A 279 23.89 6.20 4.71
CA PRO A 279 23.73 7.35 3.81
C PRO A 279 22.69 8.32 4.33
N ASN A 280 22.82 9.57 3.91
CA ASN A 280 21.96 10.67 4.34
C ASN A 280 21.38 11.32 3.09
N PHE A 281 20.25 10.83 2.63
CA PHE A 281 19.72 11.27 1.35
C PHE A 281 18.95 12.60 1.50
N GLN A 282 18.97 13.39 0.42
CA GLN A 282 18.34 14.71 0.39
C GLN A 282 17.27 14.85 -0.71
N ASN A 283 16.86 13.74 -1.34
CA ASN A 283 15.77 13.79 -2.33
C ASN A 283 16.13 14.65 -3.54
N ARG A 284 17.40 14.59 -3.94
CA ARG A 284 17.89 15.33 -5.08
C ARG A 284 19.19 14.72 -5.59
#